data_8YGZ
#
_entry.id   8YGZ
#
_cell.length_a   61.090
_cell.length_b   75.020
_cell.length_c   77.704
_cell.angle_alpha   90.000
_cell.angle_beta   90.000
_cell.angle_gamma   90.000
#
_symmetry.space_group_name_H-M   'P 21 21 21'
#
loop_
_entity.id
_entity.type
_entity.pdbx_description
1 polymer 'TGF-beta receptor type-2'
2 non-polymer 1,2-ETHANEDIOL
3 non-polymer DI(HYDROXYETHYL)ETHER
4 water water
#
_entity_poly.entity_id   1
_entity_poly.type   'polypeptide(L)'
_entity_poly.pdbx_seq_one_letter_code
;GHNTELLPIELDTLVGKGRFAEVYKAKLKQNTSEQFETVAVKIFPYEEYASWKTEKDIFSDINLKHENILQFLTAEERKT
ELGKQYWLITAFHAKGNLQEYLTRHVISWEDLRKLGSSLARGIAHLHSDHTPCGRPKMPIVHRDLKSSNILVKNDLTCCL
CDFGLSLRLDPTLSVDDLANSGQVGTARYMAPEVLASAMNLENVESFKQTDVYSMALVLWEMTSRCNAVGEVKDYEPPFG
SKVREHP(CSO)VASMADNVLADAGRPEIPSFWLNHQGIQMVCETLTECWDHDPEARLTAQCVAERFSELEHLDRLSG
;
_entity_poly.pdbx_strand_id   A
#
loop_
_chem_comp.id
_chem_comp.type
_chem_comp.name
_chem_comp.formula
EDO non-polymer 1,2-ETHANEDIOL 'C2 H6 O2'
PEG non-polymer DI(HYDROXYETHYL)ETHER 'C4 H10 O3'
#
# COMPACT_ATOMS: atom_id res chain seq x y z
N GLU A 5 0.53 30.36 -12.05
CA GLU A 5 -0.35 29.57 -11.14
C GLU A 5 0.50 28.50 -10.42
N LEU A 6 1.73 28.86 -10.03
CA LEU A 6 2.64 28.01 -9.21
C LEU A 6 2.47 28.40 -7.75
N LEU A 7 2.23 27.42 -6.89
CA LEU A 7 1.91 27.61 -5.45
C LEU A 7 3.16 28.05 -4.70
N PRO A 8 3.02 28.87 -3.63
CA PRO A 8 4.16 29.37 -2.87
C PRO A 8 4.73 28.33 -1.90
N ILE A 9 5.54 27.41 -2.42
CA ILE A 9 6.09 26.27 -1.65
C ILE A 9 7.53 26.57 -1.32
N GLU A 10 8.01 26.11 -0.16
CA GLU A 10 9.46 26.05 0.16
C GLU A 10 9.77 24.65 0.70
N LEU A 11 10.68 23.94 0.06
CA LEU A 11 11.04 22.55 0.42
C LEU A 11 11.83 22.55 1.74
N ASP A 12 11.21 22.10 2.83
CA ASP A 12 11.84 22.02 4.17
C ASP A 12 12.76 20.79 4.21
N THR A 13 12.19 19.59 4.20
CA THR A 13 12.95 18.34 4.46
C THR A 13 12.53 17.22 3.50
N LEU A 14 13.53 16.53 2.97
CA LEU A 14 13.40 15.22 2.29
C LEU A 14 12.84 14.23 3.33
N VAL A 15 11.65 13.69 3.09
CA VAL A 15 11.03 12.64 3.95
C VAL A 15 10.99 11.30 3.18
N GLY A 16 11.18 11.31 1.85
CA GLY A 16 11.05 10.12 1.01
C GLY A 16 11.96 10.13 -0.20
N LYS A 17 12.50 8.97 -0.53
CA LYS A 17 13.14 8.65 -1.82
C LYS A 17 12.61 7.29 -2.27
N GLY A 18 12.12 7.20 -3.51
CA GLY A 18 11.72 5.95 -4.17
C GLY A 18 12.50 5.73 -5.45
N ARG A 19 11.99 4.85 -6.34
CA ARG A 19 12.58 4.59 -7.68
C ARG A 19 12.42 5.86 -8.53
N PHE A 20 11.30 6.56 -8.35
CA PHE A 20 10.80 7.55 -9.33
C PHE A 20 10.95 8.98 -8.83
N ALA A 21 10.85 9.21 -7.52
CA ALA A 21 10.66 10.56 -6.95
C ALA A 21 11.29 10.71 -5.58
N GLU A 22 11.51 11.97 -5.18
CA GLU A 22 11.80 12.38 -3.79
C GLU A 22 10.54 13.07 -3.23
N VAL A 23 10.25 12.87 -1.95
CA VAL A 23 9.08 13.48 -1.29
C VAL A 23 9.63 14.44 -0.25
N TYR A 24 9.06 15.64 -0.19
CA TYR A 24 9.52 16.74 0.68
C TYR A 24 8.34 17.19 1.54
N LYS A 25 8.58 17.37 2.84
CA LYS A 25 7.72 18.25 3.67
C LYS A 25 8.00 19.68 3.19
N ALA A 26 6.96 20.46 2.98
CA ALA A 26 7.01 21.82 2.42
C ALA A 26 5.90 22.67 3.05
N LYS A 27 5.84 23.96 2.69
CA LYS A 27 4.87 24.96 3.19
C LYS A 27 4.08 25.58 2.04
N LEU A 28 2.75 25.67 2.15
CA LEU A 28 1.87 26.38 1.18
C LEU A 28 1.30 27.67 1.82
N LYS A 29 1.31 28.77 1.05
CA LYS A 29 0.99 30.15 1.50
C LYS A 29 0.07 30.83 0.48
N PHE A 36 -2.89 24.41 3.34
CA PHE A 36 -2.35 24.23 4.71
C PHE A 36 -0.84 24.48 4.69
N GLU A 37 -0.29 25.13 5.71
CA GLU A 37 1.14 25.49 5.78
C GLU A 37 2.00 24.23 5.57
N THR A 38 1.53 23.04 5.99
CA THR A 38 2.28 21.77 5.82
C THR A 38 1.65 20.96 4.68
N VAL A 39 2.47 20.67 3.66
CA VAL A 39 2.08 19.86 2.48
C VAL A 39 3.22 18.89 2.21
N ALA A 40 2.93 17.83 1.46
CA ALA A 40 3.95 16.94 0.88
C ALA A 40 4.12 17.33 -0.60
N VAL A 41 5.37 17.34 -1.05
CA VAL A 41 5.73 17.63 -2.47
C VAL A 41 6.52 16.44 -2.97
N LYS A 42 5.94 15.70 -3.92
CA LYS A 42 6.61 14.56 -4.56
C LYS A 42 7.20 15.08 -5.87
N ILE A 43 8.52 15.02 -6.01
CA ILE A 43 9.29 15.63 -7.13
C ILE A 43 9.85 14.51 -7.98
N PHE A 44 9.43 14.51 -9.23
CA PHE A 44 9.86 13.53 -10.26
C PHE A 44 10.76 14.29 -11.23
N PRO A 45 11.94 13.74 -11.58
CA PRO A 45 12.72 14.28 -12.71
C PRO A 45 11.98 14.00 -14.02
N TYR A 46 12.31 14.76 -15.08
CA TYR A 46 11.76 14.58 -16.45
C TYR A 46 11.75 13.09 -16.80
N GLU A 47 12.81 12.35 -16.44
CA GLU A 47 13.02 10.96 -16.93
C GLU A 47 11.92 10.06 -16.33
N GLU A 48 11.25 10.50 -15.27
CA GLU A 48 10.22 9.70 -14.58
C GLU A 48 8.84 10.34 -14.79
N TYR A 49 8.71 11.11 -15.87
CA TYR A 49 7.43 11.72 -16.35
C TYR A 49 6.28 10.69 -16.29
N ALA A 50 6.48 9.48 -16.81
CA ALA A 50 5.47 8.41 -16.91
C ALA A 50 4.85 8.12 -15.54
N SER A 51 5.68 8.03 -14.47
CA SER A 51 5.22 7.69 -13.10
C SER A 51 4.45 8.89 -12.57
N TRP A 52 4.98 10.09 -12.76
CA TRP A 52 4.27 11.34 -12.36
C TRP A 52 2.87 11.33 -12.99
N LYS A 53 2.81 11.07 -14.30
CA LYS A 53 1.51 11.10 -15.03
C LYS A 53 0.61 10.00 -14.48
N THR A 54 1.10 8.77 -14.29
CA THR A 54 0.25 7.64 -13.77
C THR A 54 -0.40 8.06 -12.43
N GLU A 55 0.40 8.59 -11.52
CA GLU A 55 -0.10 9.05 -10.19
C GLU A 55 -1.06 10.22 -10.37
N LYS A 56 -0.64 11.23 -11.13
CA LYS A 56 -1.48 12.44 -11.41
C LYS A 56 -2.88 12.01 -11.83
N ASP A 57 -3.00 11.04 -12.74
CA ASP A 57 -4.29 10.61 -13.32
C ASP A 57 -5.14 9.96 -12.21
N ILE A 58 -4.53 9.19 -11.31
CA ILE A 58 -5.26 8.57 -10.17
C ILE A 58 -5.71 9.67 -9.21
N PHE A 59 -4.81 10.55 -8.79
CA PHE A 59 -5.11 11.61 -7.80
C PHE A 59 -6.12 12.63 -8.33
N SER A 60 -6.24 12.77 -9.66
CA SER A 60 -7.09 13.77 -10.36
C SER A 60 -8.48 13.16 -10.64
N ASP A 61 -8.59 11.84 -10.55
CA ASP A 61 -9.86 11.11 -10.79
C ASP A 61 -10.82 11.39 -9.64
N ILE A 62 -11.94 12.05 -9.99
CA ILE A 62 -13.04 12.51 -9.11
C ILE A 62 -13.51 11.33 -8.27
N ASN A 63 -13.50 10.11 -8.81
CA ASN A 63 -14.04 8.89 -8.14
C ASN A 63 -13.01 8.19 -7.23
N LEU A 64 -11.78 8.70 -7.10
CA LEU A 64 -10.77 8.10 -6.18
C LEU A 64 -10.49 9.05 -5.00
N LYS A 65 -11.38 10.02 -4.75
CA LYS A 65 -11.38 10.81 -3.50
C LYS A 65 -11.99 9.92 -2.41
N HIS A 66 -11.25 9.69 -1.33
CA HIS A 66 -11.64 8.75 -0.25
C HIS A 66 -10.78 9.05 0.97
N GLU A 67 -11.32 8.93 2.17
CA GLU A 67 -10.56 9.20 3.43
C GLU A 67 -9.30 8.31 3.46
N ASN A 68 -9.34 7.13 2.85
CA ASN A 68 -8.26 6.13 2.92
C ASN A 68 -7.39 6.17 1.67
N ILE A 69 -7.51 7.27 0.90
CA ILE A 69 -6.59 7.59 -0.22
C ILE A 69 -6.05 8.99 0.03
N LEU A 70 -4.74 9.15 -0.05
CA LEU A 70 -4.02 10.42 0.17
C LEU A 70 -4.71 11.54 -0.61
N GLN A 71 -5.00 12.62 0.09
CA GLN A 71 -5.59 13.85 -0.46
C GLN A 71 -4.57 14.56 -1.35
N PHE A 72 -4.99 14.82 -2.59
CA PHE A 72 -4.23 15.54 -3.64
C PHE A 72 -4.69 17.00 -3.71
N LEU A 73 -3.75 17.94 -3.70
CA LEU A 73 -4.01 19.36 -4.00
C LEU A 73 -3.89 19.58 -5.52
N THR A 74 -2.67 19.51 -6.07
CA THR A 74 -2.39 19.79 -7.49
C THR A 74 -1.09 19.10 -7.96
N ALA A 75 -0.96 18.94 -9.27
CA ALA A 75 0.31 18.66 -9.96
C ALA A 75 0.84 19.96 -10.57
N GLU A 76 2.16 20.08 -10.68
CA GLU A 76 2.85 21.22 -11.30
C GLU A 76 4.04 20.71 -12.11
N GLU A 77 4.35 21.48 -13.14
CA GLU A 77 5.59 21.41 -13.93
C GLU A 77 6.44 22.57 -13.45
N ARG A 78 7.67 22.30 -13.04
CA ARG A 78 8.56 23.36 -12.52
C ARG A 78 9.88 23.31 -13.27
N LYS A 79 10.07 24.27 -14.18
CA LYS A 79 11.35 24.49 -14.90
C LYS A 79 12.45 24.69 -13.85
N THR A 80 13.59 24.04 -14.04
CA THR A 80 14.82 24.21 -13.21
C THR A 80 15.99 24.49 -14.15
N GLU A 81 17.17 24.71 -13.57
CA GLU A 81 18.43 24.89 -14.35
C GLU A 81 18.73 23.61 -15.14
N LEU A 82 18.65 22.43 -14.52
CA LEU A 82 18.91 21.11 -15.16
C LEU A 82 17.86 20.80 -16.24
N GLY A 83 16.64 21.31 -16.09
CA GLY A 83 15.59 21.14 -17.10
C GLY A 83 14.23 21.40 -16.52
N LYS A 84 13.56 20.33 -16.09
CA LYS A 84 12.17 20.46 -15.60
C LYS A 84 11.87 19.30 -14.65
N GLN A 85 11.08 19.63 -13.64
CA GLN A 85 10.63 18.71 -12.58
C GLN A 85 9.11 18.65 -12.63
N TYR A 86 8.54 17.53 -12.15
CA TYR A 86 7.11 17.24 -12.15
C TYR A 86 6.71 16.98 -10.70
N TRP A 87 5.83 17.83 -10.18
CA TRP A 87 5.46 17.90 -8.75
C TRP A 87 4.07 17.32 -8.57
N LEU A 88 3.87 16.51 -7.53
CA LEU A 88 2.52 16.26 -6.95
C LEU A 88 2.51 16.84 -5.54
N ILE A 89 1.53 17.66 -5.24
CA ILE A 89 1.42 18.36 -3.93
C ILE A 89 0.19 17.76 -3.25
N THR A 90 0.41 17.15 -2.08
CA THR A 90 -0.62 16.34 -1.38
C THR A 90 -0.63 16.77 0.09
N ALA A 91 -1.66 16.36 0.80
CA ALA A 91 -1.68 16.35 2.28
C ALA A 91 -0.34 15.79 2.76
N PHE A 92 0.11 16.28 3.90
CA PHE A 92 1.28 15.75 4.64
C PHE A 92 0.78 15.08 5.92
N HIS A 93 1.14 13.83 6.11
CA HIS A 93 0.87 13.00 7.31
C HIS A 93 2.14 12.93 8.14
N ALA A 94 2.20 13.74 9.20
CA ALA A 94 3.39 13.93 10.05
C ALA A 94 3.82 12.60 10.67
N LYS A 95 2.90 11.69 10.96
CA LYS A 95 3.25 10.39 11.63
C LYS A 95 3.97 9.46 10.65
N GLY A 96 4.08 9.82 9.39
CA GLY A 96 4.95 9.13 8.42
C GLY A 96 4.29 7.89 7.84
N ASN A 97 5.08 7.06 7.16
CA ASN A 97 4.56 5.83 6.51
C ASN A 97 4.40 4.75 7.58
N LEU A 98 3.55 3.77 7.31
CA LEU A 98 3.26 2.67 8.26
C LEU A 98 4.52 1.91 8.66
N GLN A 99 5.49 1.71 7.76
CA GLN A 99 6.71 0.93 8.13
C GLN A 99 7.48 1.69 9.20
N GLU A 100 7.70 2.99 9.00
CA GLU A 100 8.43 3.86 9.94
C GLU A 100 7.63 3.87 11.25
N TYR A 101 6.31 4.04 11.16
CA TYR A 101 5.44 4.09 12.35
C TYR A 101 5.52 2.77 13.14
N LEU A 102 5.44 1.61 12.50
CA LEU A 102 5.46 0.30 13.22
C LEU A 102 6.89 0.03 13.76
N THR A 103 7.92 0.56 13.10
CA THR A 103 9.32 0.47 13.58
C THR A 103 9.41 1.20 14.93
N ARG A 104 8.83 2.41 15.01
CA ARG A 104 8.91 3.31 16.20
C ARG A 104 8.02 2.80 17.34
N HIS A 105 6.80 2.32 17.06
CA HIS A 105 5.70 2.15 18.05
C HIS A 105 5.18 0.71 18.15
N VAL A 106 4.83 0.30 19.37
CA VAL A 106 3.93 -0.85 19.63
C VAL A 106 2.52 -0.29 19.66
N ILE A 107 1.58 -0.92 18.99
CA ILE A 107 0.24 -0.31 18.75
C ILE A 107 -0.75 -1.09 19.60
N SER A 108 -1.85 -0.43 19.95
CA SER A 108 -2.94 -1.01 20.76
C SER A 108 -3.81 -1.89 19.86
N TRP A 109 -4.68 -2.70 20.46
CA TRP A 109 -5.73 -3.42 19.72
C TRP A 109 -6.53 -2.41 18.89
N GLU A 110 -6.91 -1.28 19.49
CA GLU A 110 -7.79 -0.26 18.85
C GLU A 110 -7.05 0.30 17.64
N ASP A 111 -5.74 0.53 17.77
CA ASP A 111 -4.89 1.05 16.67
C ASP A 111 -4.96 0.06 15.51
N LEU A 112 -4.74 -1.22 15.81
CA LEU A 112 -4.72 -2.29 14.79
C LEU A 112 -6.05 -2.32 14.05
N ARG A 113 -7.15 -2.17 14.78
CA ARG A 113 -8.51 -2.30 14.20
C ARG A 113 -8.75 -1.12 13.27
N LYS A 114 -8.28 0.08 13.63
CA LYS A 114 -8.45 1.31 12.81
C LYS A 114 -7.54 1.26 11.59
N LEU A 115 -6.27 0.91 11.77
CA LEU A 115 -5.28 0.79 10.67
C LEU A 115 -5.71 -0.31 9.69
N GLY A 116 -6.07 -1.48 10.18
CA GLY A 116 -6.40 -2.64 9.34
C GLY A 116 -7.69 -2.38 8.55
N SER A 117 -8.72 -1.89 9.24
CA SER A 117 -10.04 -1.59 8.61
CA SER A 117 -10.04 -1.57 8.62
C SER A 117 -9.84 -0.53 7.52
N SER A 118 -9.13 0.56 7.83
CA SER A 118 -8.90 1.70 6.93
C SER A 118 -8.08 1.23 5.71
N LEU A 119 -7.15 0.31 5.93
CA LEU A 119 -6.32 -0.27 4.84
C LEU A 119 -7.24 -1.02 3.88
N ALA A 120 -8.08 -1.90 4.41
CA ALA A 120 -9.00 -2.72 3.60
C ALA A 120 -10.04 -1.82 2.91
N ARG A 121 -10.57 -0.79 3.57
CA ARG A 121 -11.58 0.11 2.94
C ARG A 121 -10.91 0.89 1.80
N GLY A 122 -9.63 1.27 1.94
CA GLY A 122 -8.90 1.99 0.88
C GLY A 122 -8.68 1.12 -0.34
N ILE A 123 -8.27 -0.12 -0.09
CA ILE A 123 -8.03 -1.10 -1.20
C ILE A 123 -9.37 -1.43 -1.85
N ALA A 124 -10.40 -1.74 -1.06
CA ALA A 124 -11.74 -2.10 -1.62
C ALA A 124 -12.25 -0.96 -2.50
N HIS A 125 -12.01 0.30 -2.11
CA HIS A 125 -12.42 1.50 -2.89
C HIS A 125 -11.69 1.53 -4.24
N LEU A 126 -10.38 1.31 -4.22
CA LEU A 126 -9.57 1.22 -5.46
C LEU A 126 -10.18 0.13 -6.32
N HIS A 127 -10.44 -1.05 -5.73
CA HIS A 127 -10.82 -2.26 -6.49
C HIS A 127 -12.23 -2.14 -7.08
N SER A 128 -13.12 -1.36 -6.44
CA SER A 128 -14.57 -1.34 -6.76
C SER A 128 -14.80 -0.92 -8.21
N ASP A 129 -15.61 -1.70 -8.94
CA ASP A 129 -16.07 -1.34 -10.32
C ASP A 129 -17.25 -0.37 -10.24
N HIS A 130 -17.56 0.18 -9.07
CA HIS A 130 -18.69 1.12 -8.93
C HIS A 130 -18.37 2.15 -7.84
N THR A 131 -18.83 3.40 -8.02
CA THR A 131 -18.80 4.47 -6.99
C THR A 131 -19.77 4.12 -5.87
N PRO A 132 -19.68 4.79 -4.70
CA PRO A 132 -20.73 4.69 -3.67
C PRO A 132 -22.15 4.86 -4.25
N CYS A 133 -22.42 6.01 -4.88
CA CYS A 133 -23.70 6.35 -5.56
C CYS A 133 -23.96 5.42 -6.77
N GLY A 134 -23.32 4.24 -6.82
CA GLY A 134 -23.74 3.11 -7.68
C GLY A 134 -23.19 3.14 -9.09
N ARG A 135 -22.59 4.24 -9.55
CA ARG A 135 -22.21 4.44 -10.98
C ARG A 135 -20.91 3.72 -11.26
N PRO A 136 -20.71 3.17 -12.48
CA PRO A 136 -19.55 2.33 -12.77
C PRO A 136 -18.27 3.18 -12.69
N LYS A 137 -17.14 2.53 -12.41
CA LYS A 137 -15.80 3.19 -12.40
C LYS A 137 -14.78 2.11 -12.74
N MET A 138 -13.73 2.47 -13.46
CA MET A 138 -12.68 1.49 -13.86
C MET A 138 -11.87 1.17 -12.60
N PRO A 139 -11.76 -0.11 -12.19
CA PRO A 139 -10.98 -0.45 -11.01
C PRO A 139 -9.50 -0.07 -11.19
N ILE A 140 -8.86 0.35 -10.10
CA ILE A 140 -7.38 0.48 -9.99
C ILE A 140 -6.87 -0.63 -9.09
N VAL A 141 -5.77 -1.27 -9.50
CA VAL A 141 -4.94 -2.14 -8.64
C VAL A 141 -3.64 -1.38 -8.35
N HIS A 142 -3.22 -1.42 -7.10
CA HIS A 142 -2.07 -0.61 -6.61
C HIS A 142 -0.80 -1.16 -7.24
N ARG A 143 -0.58 -2.48 -7.10
CA ARG A 143 0.53 -3.29 -7.68
C ARG A 143 1.84 -3.07 -6.90
N ASP A 144 1.85 -2.19 -5.90
CA ASP A 144 3.02 -2.06 -5.01
C ASP A 144 2.57 -1.76 -3.57
N LEU A 145 1.60 -2.52 -3.05
CA LEU A 145 1.14 -2.35 -1.66
C LEU A 145 2.22 -2.88 -0.72
N LYS A 146 2.57 -2.06 0.26
CA LYS A 146 3.57 -2.35 1.30
C LYS A 146 3.49 -1.24 2.32
N SER A 147 4.07 -1.47 3.49
CA SER A 147 3.89 -0.58 4.66
C SER A 147 4.52 0.78 4.37
N SER A 148 5.60 0.85 3.58
CA SER A 148 6.24 2.14 3.21
C SER A 148 5.37 2.95 2.25
N ASN A 149 4.30 2.37 1.70
CA ASN A 149 3.39 3.03 0.71
C ASN A 149 2.03 3.29 1.35
N ILE A 150 1.97 3.15 2.67
CA ILE A 150 0.76 3.47 3.48
C ILE A 150 1.16 4.53 4.50
N LEU A 151 0.35 5.57 4.63
CA LEU A 151 0.62 6.75 5.49
C LEU A 151 -0.31 6.69 6.72
N VAL A 152 0.23 7.02 7.89
CA VAL A 152 -0.56 7.01 9.13
C VAL A 152 -1.07 8.43 9.40
N LYS A 153 -2.37 8.61 9.34
CA LYS A 153 -3.05 9.89 9.66
C LYS A 153 -3.06 10.06 11.19
N ASN A 154 -3.24 11.30 11.67
CA ASN A 154 -3.15 11.66 13.10
C ASN A 154 -4.14 10.78 13.89
N ASP A 155 -5.32 10.54 13.34
CA ASP A 155 -6.39 9.72 13.97
C ASP A 155 -6.07 8.22 13.83
N LEU A 156 -4.85 7.85 13.41
CA LEU A 156 -4.39 6.43 13.34
C LEU A 156 -5.27 5.59 12.39
N THR A 157 -5.84 6.21 11.35
CA THR A 157 -6.29 5.51 10.11
C THR A 157 -5.17 5.62 9.08
N CYS A 158 -5.16 4.74 8.10
CA CYS A 158 -4.22 4.68 6.94
C CYS A 158 -4.83 5.46 5.78
N CYS A 159 -3.97 5.92 4.88
CA CYS A 159 -4.34 6.21 3.48
C CYS A 159 -3.23 5.71 2.55
N LEU A 160 -3.66 5.28 1.37
CA LEU A 160 -2.81 4.73 0.30
C LEU A 160 -2.15 5.88 -0.42
N CYS A 161 -0.92 5.66 -0.86
CA CYS A 161 -0.20 6.59 -1.73
C CYS A 161 0.71 5.76 -2.63
N ASP A 162 1.54 6.44 -3.42
CA ASP A 162 2.55 5.79 -4.29
C ASP A 162 1.84 4.95 -5.34
N PHE A 163 1.16 5.63 -6.25
CA PHE A 163 0.40 4.99 -7.33
C PHE A 163 1.24 4.87 -8.60
N GLY A 164 2.57 5.05 -8.55
CA GLY A 164 3.43 5.07 -9.76
C GLY A 164 3.33 3.78 -10.57
N LEU A 165 3.07 2.64 -9.93
CA LEU A 165 3.02 1.33 -10.63
C LEU A 165 1.57 0.87 -10.79
N SER A 166 0.59 1.70 -10.45
CA SER A 166 -0.83 1.27 -10.45
C SER A 166 -1.29 1.03 -11.88
N LEU A 167 -2.24 0.12 -12.01
CA LEU A 167 -2.83 -0.32 -13.30
C LEU A 167 -4.33 -0.11 -13.19
N ARG A 168 -4.84 0.77 -14.03
CA ARG A 168 -6.27 0.90 -14.40
C ARG A 168 -6.71 -0.43 -15.03
N LEU A 169 -7.75 -1.08 -14.51
CA LEU A 169 -8.20 -2.38 -15.10
C LEU A 169 -9.05 -2.06 -16.34
N ASP A 170 -8.34 -1.73 -17.42
CA ASP A 170 -8.92 -1.29 -18.71
C ASP A 170 -9.11 -2.52 -19.60
N PRO A 171 -10.33 -2.80 -20.07
CA PRO A 171 -10.59 -3.89 -21.02
C PRO A 171 -9.71 -3.92 -22.29
N THR A 172 -9.11 -2.79 -22.66
CA THR A 172 -8.25 -2.62 -23.87
C THR A 172 -6.78 -2.94 -23.55
N LEU A 173 -6.41 -3.10 -22.27
CA LEU A 173 -5.03 -3.48 -21.82
C LEU A 173 -4.56 -4.69 -22.63
N SER A 174 -3.42 -4.56 -23.32
CA SER A 174 -2.83 -5.63 -24.16
C SER A 174 -2.15 -6.66 -23.26
N VAL A 175 -1.89 -7.85 -23.81
CA VAL A 175 -1.09 -8.94 -23.18
C VAL A 175 0.29 -8.41 -22.77
N ASP A 176 0.93 -7.56 -23.58
CA ASP A 176 2.28 -6.99 -23.28
C ASP A 176 2.19 -6.02 -22.08
N ASP A 177 1.14 -5.21 -21.99
CA ASP A 177 0.90 -4.29 -20.84
C ASP A 177 1.00 -5.08 -19.52
N GLY A 182 7.95 -8.77 -16.45
CA GLY A 182 6.72 -8.18 -15.89
C GLY A 182 6.92 -7.90 -14.42
N GLN A 183 6.24 -8.62 -13.52
CA GLN A 183 6.63 -8.61 -12.09
C GLN A 183 7.18 -7.21 -11.77
N VAL A 184 6.39 -6.18 -12.04
CA VAL A 184 6.70 -4.80 -11.58
C VAL A 184 6.34 -4.77 -10.09
N GLY A 185 7.09 -4.05 -9.28
CA GLY A 185 6.76 -3.84 -7.85
C GLY A 185 7.83 -4.39 -6.92
N THR A 186 7.53 -4.47 -5.64
CA THR A 186 8.50 -4.89 -4.60
C THR A 186 8.45 -6.41 -4.44
N ALA A 187 9.57 -7.09 -4.73
CA ALA A 187 9.65 -8.58 -4.72
C ALA A 187 9.16 -9.13 -3.38
N ARG A 188 9.54 -8.51 -2.25
CA ARG A 188 9.16 -9.00 -0.92
C ARG A 188 7.64 -9.17 -0.82
N TYR A 189 6.86 -8.30 -1.47
CA TYR A 189 5.37 -8.26 -1.28
C TYR A 189 4.65 -8.96 -2.44
N MET A 190 5.40 -9.63 -3.31
CA MET A 190 4.83 -10.21 -4.56
C MET A 190 4.14 -11.54 -4.25
N ALA A 191 2.91 -11.71 -4.71
CA ALA A 191 2.08 -12.93 -4.56
C ALA A 191 2.76 -14.11 -5.23
N PRO A 192 2.52 -15.35 -4.73
CA PRO A 192 3.20 -16.52 -5.27
C PRO A 192 2.99 -16.61 -6.79
N GLU A 193 1.77 -16.30 -7.28
CA GLU A 193 1.41 -16.42 -8.73
C GLU A 193 2.21 -15.38 -9.54
N VAL A 194 2.57 -14.26 -8.94
CA VAL A 194 3.41 -13.23 -9.60
C VAL A 194 4.85 -13.77 -9.65
N LEU A 195 5.36 -14.30 -8.53
CA LEU A 195 6.75 -14.83 -8.44
C LEU A 195 6.89 -16.01 -9.42
N ALA A 196 5.82 -16.78 -9.62
CA ALA A 196 5.78 -17.97 -10.50
C ALA A 196 5.61 -17.57 -11.97
N SER A 197 5.30 -16.31 -12.28
CA SER A 197 4.87 -15.88 -13.63
C SER A 197 3.72 -16.79 -14.09
N ALA A 198 2.72 -16.99 -13.24
CA ALA A 198 1.63 -17.95 -13.44
C ALA A 198 0.28 -17.23 -13.44
N MET A 199 0.25 -15.99 -13.92
CA MET A 199 -1.00 -15.20 -14.02
C MET A 199 -1.56 -15.30 -15.45
N ASN A 200 -2.82 -14.90 -15.66
CA ASN A 200 -3.49 -14.82 -16.99
C ASN A 200 -2.80 -13.77 -17.88
N ASN A 203 -8.21 -12.82 -16.10
CA ASN A 203 -9.18 -12.93 -14.97
C ASN A 203 -9.75 -11.53 -14.65
N VAL A 204 -8.92 -10.47 -14.72
CA VAL A 204 -9.22 -9.08 -14.22
C VAL A 204 -9.12 -9.12 -12.69
N GLU A 205 -9.93 -9.97 -12.06
CA GLU A 205 -9.85 -10.33 -10.61
C GLU A 205 -8.43 -10.80 -10.22
N SER A 206 -7.62 -11.27 -11.18
CA SER A 206 -6.23 -11.74 -10.93
C SER A 206 -5.40 -10.61 -10.29
N PHE A 207 -5.36 -9.40 -10.82
CA PHE A 207 -4.55 -8.30 -10.24
C PHE A 207 -5.13 -7.87 -8.87
N LYS A 208 -6.45 -7.86 -8.71
CA LYS A 208 -7.07 -7.55 -7.40
C LYS A 208 -6.57 -8.53 -6.35
N GLN A 209 -6.45 -9.80 -6.70
CA GLN A 209 -6.01 -10.90 -5.81
C GLN A 209 -4.54 -10.69 -5.40
N THR A 210 -3.68 -10.16 -6.30
CA THR A 210 -2.26 -9.86 -5.99
C THR A 210 -2.21 -8.73 -4.95
N ASP A 211 -2.99 -7.67 -5.15
CA ASP A 211 -3.11 -6.58 -4.14
C ASP A 211 -3.45 -7.17 -2.77
N VAL A 212 -4.41 -8.09 -2.75
CA VAL A 212 -4.94 -8.63 -1.47
C VAL A 212 -3.83 -9.43 -0.79
N TYR A 213 -3.07 -10.24 -1.54
CA TYR A 213 -1.90 -10.96 -1.00
C TYR A 213 -0.95 -9.98 -0.31
N SER A 214 -0.58 -8.88 -0.95
CA SER A 214 0.34 -7.86 -0.39
C SER A 214 -0.31 -7.24 0.84
N MET A 215 -1.63 -6.97 0.76
CA MET A 215 -2.39 -6.39 1.88
C MET A 215 -2.26 -7.31 3.10
N ALA A 216 -2.32 -8.62 2.89
CA ALA A 216 -2.21 -9.64 3.96
C ALA A 216 -0.90 -9.47 4.72
N LEU A 217 0.18 -9.32 3.97
CA LEU A 217 1.54 -9.16 4.55
C LEU A 217 1.52 -7.91 5.43
N VAL A 218 0.88 -6.84 4.98
CA VAL A 218 0.83 -5.56 5.73
C VAL A 218 -0.02 -5.76 7.00
N LEU A 219 -1.17 -6.42 6.90
CA LEU A 219 -1.98 -6.76 8.11
C LEU A 219 -1.09 -7.54 9.10
N TRP A 220 -0.23 -8.41 8.59
CA TRP A 220 0.71 -9.16 9.43
C TRP A 220 1.66 -8.19 10.12
N GLU A 221 2.23 -7.23 9.39
CA GLU A 221 3.18 -6.26 9.96
C GLU A 221 2.49 -5.53 11.13
N MET A 222 1.25 -5.11 10.92
CA MET A 222 0.45 -4.40 11.95
C MET A 222 0.27 -5.31 13.16
N THR A 223 -0.13 -6.55 12.93
CA THR A 223 -0.44 -7.52 13.99
C THR A 223 0.84 -7.79 14.80
N SER A 224 1.99 -7.89 14.11
CA SER A 224 3.30 -8.23 14.72
C SER A 224 3.69 -7.19 15.78
N ARG A 225 3.11 -6.00 15.70
CA ARG A 225 3.52 -4.85 16.55
C ARG A 225 2.36 -4.40 17.43
N CYS A 226 1.38 -5.28 17.64
CA CYS A 226 0.17 -5.03 18.44
C CYS A 226 0.34 -5.65 19.83
N ASN A 227 0.24 -4.85 20.91
CA ASN A 227 0.54 -5.30 22.29
C ASN A 227 -0.57 -6.23 22.80
N ALA A 228 -1.65 -6.45 22.04
CA ALA A 228 -2.75 -7.34 22.46
C ALA A 228 -2.23 -8.78 22.54
N VAL A 229 -1.18 -9.11 21.79
CA VAL A 229 -0.61 -10.49 21.73
C VAL A 229 0.14 -10.80 23.04
N GLY A 230 0.58 -9.76 23.76
CA GLY A 230 1.51 -9.88 24.89
C GLY A 230 2.86 -9.30 24.51
N GLU A 231 3.90 -10.12 24.57
CA GLU A 231 5.28 -9.70 24.23
C GLU A 231 5.35 -9.41 22.73
N VAL A 232 5.85 -8.23 22.38
CA VAL A 232 5.99 -7.75 20.98
C VAL A 232 7.48 -7.70 20.65
N LYS A 233 7.90 -8.35 19.56
CA LYS A 233 9.28 -8.29 19.04
C LYS A 233 9.51 -6.94 18.37
N ASP A 234 10.78 -6.60 18.14
CA ASP A 234 11.18 -5.44 17.30
C ASP A 234 10.52 -5.59 15.93
N TYR A 235 10.18 -4.48 15.28
CA TYR A 235 9.63 -4.57 13.90
C TYR A 235 10.64 -5.23 12.98
N GLU A 236 10.21 -6.21 12.19
CA GLU A 236 10.96 -6.67 10.99
C GLU A 236 10.00 -6.78 9.80
N PRO A 237 10.47 -6.43 8.60
CA PRO A 237 9.64 -6.56 7.41
C PRO A 237 9.29 -8.03 7.18
N PRO A 238 8.19 -8.30 6.43
CA PRO A 238 7.79 -9.66 6.12
C PRO A 238 8.96 -10.40 5.46
N PHE A 239 9.25 -11.63 5.93
CA PHE A 239 10.35 -12.51 5.44
C PHE A 239 11.74 -11.99 5.87
N GLY A 240 11.81 -10.96 6.70
CA GLY A 240 13.08 -10.37 7.20
C GLY A 240 14.05 -11.41 7.76
N SER A 241 13.58 -12.52 8.36
CA SER A 241 14.47 -13.52 9.01
C SER A 241 14.99 -14.53 7.99
N LYS A 242 14.53 -14.47 6.73
CA LYS A 242 14.79 -15.51 5.71
C LYS A 242 15.48 -14.92 4.47
N VAL A 243 15.28 -13.65 4.14
CA VAL A 243 15.83 -13.08 2.87
C VAL A 243 16.66 -11.85 3.20
N ARG A 244 17.55 -11.44 2.30
CA ARG A 244 18.46 -10.27 2.47
C ARG A 244 17.63 -8.98 2.51
N GLU A 245 18.23 -7.87 2.94
CA GLU A 245 17.62 -6.52 3.02
C GLU A 245 16.83 -6.21 1.74
N HIS A 246 17.43 -6.36 0.56
CA HIS A 246 16.78 -6.04 -0.74
C HIS A 246 16.62 -7.31 -1.57
N PRO A 247 15.60 -8.13 -1.27
CA PRO A 247 15.52 -9.47 -1.86
C PRO A 247 15.16 -9.40 -3.34
N CSO A 248 15.80 -10.27 -4.13
CA CSO A 248 15.48 -10.43 -5.52
CB CSO A 248 16.68 -10.95 -6.30
SG CSO A 248 17.26 -12.61 -5.80
C CSO A 248 14.27 -11.37 -5.64
O CSO A 248 13.88 -12.00 -4.65
OD CSO A 248 18.38 -12.48 -4.56
N VAL A 249 13.71 -11.46 -6.83
CA VAL A 249 12.53 -12.27 -7.10
C VAL A 249 12.83 -13.76 -6.90
N ALA A 250 14.02 -14.23 -7.27
CA ALA A 250 14.46 -15.63 -7.14
C ALA A 250 14.38 -16.05 -5.67
N SER A 251 14.98 -15.28 -4.79
CA SER A 251 14.97 -15.59 -3.34
CA SER A 251 14.97 -15.58 -3.33
C SER A 251 13.52 -15.59 -2.84
N MET A 252 12.73 -14.63 -3.29
CA MET A 252 11.31 -14.53 -2.84
C MET A 252 10.54 -15.76 -3.32
N ALA A 253 10.78 -16.19 -4.55
CA ALA A 253 10.10 -17.35 -5.20
C ALA A 253 10.43 -18.61 -4.40
N ASP A 254 11.70 -18.80 -4.08
CA ASP A 254 12.15 -19.91 -3.19
C ASP A 254 11.37 -19.91 -1.88
N ASN A 255 11.11 -18.77 -1.26
CA ASN A 255 10.44 -18.77 0.07
C ASN A 255 8.93 -18.95 -0.10
N VAL A 256 8.32 -18.06 -0.85
CA VAL A 256 6.85 -17.86 -0.89
C VAL A 256 6.21 -18.98 -1.75
N LEU A 257 6.87 -19.36 -2.85
CA LEU A 257 6.34 -20.31 -3.82
C LEU A 257 6.86 -21.71 -3.48
N ALA A 258 8.17 -21.93 -3.58
CA ALA A 258 8.78 -23.28 -3.44
C ALA A 258 8.57 -23.84 -2.02
N ASP A 259 8.77 -23.03 -0.98
CA ASP A 259 8.71 -23.48 0.43
C ASP A 259 7.36 -23.10 1.07
N ALA A 260 6.41 -22.56 0.31
CA ALA A 260 5.08 -22.10 0.78
C ALA A 260 5.26 -21.22 2.03
N GLY A 261 6.34 -20.43 2.10
CA GLY A 261 6.68 -19.71 3.34
C GLY A 261 5.82 -18.47 3.50
N ARG A 262 5.43 -18.15 4.74
CA ARG A 262 4.73 -16.90 5.11
C ARG A 262 5.32 -16.38 6.42
N PRO A 263 5.17 -15.08 6.75
CA PRO A 263 5.62 -14.57 8.04
C PRO A 263 5.00 -15.42 9.16
N GLU A 264 5.77 -15.67 10.22
CA GLU A 264 5.38 -16.52 11.38
C GLU A 264 4.22 -15.88 12.16
N ILE A 265 3.20 -16.67 12.47
CA ILE A 265 2.16 -16.34 13.46
C ILE A 265 2.35 -17.26 14.66
N PRO A 266 3.02 -16.80 15.74
CA PRO A 266 3.18 -17.60 16.97
C PRO A 266 1.80 -17.89 17.54
N SER A 267 1.57 -19.12 18.01
CA SER A 267 0.26 -19.61 18.49
C SER A 267 -0.22 -18.72 19.65
N PHE A 268 0.68 -18.16 20.46
CA PHE A 268 0.28 -17.32 21.63
C PHE A 268 -0.47 -16.06 21.16
N TRP A 269 -0.18 -15.54 19.96
CA TRP A 269 -0.98 -14.45 19.30
C TRP A 269 -2.46 -14.80 19.30
N LEU A 270 -2.84 -16.06 19.05
CA LEU A 270 -4.26 -16.45 18.83
C LEU A 270 -5.06 -16.44 20.13
N ASN A 271 -4.40 -16.29 21.28
CA ASN A 271 -5.06 -16.29 22.63
C ASN A 271 -5.91 -15.04 22.82
N HIS A 272 -5.59 -13.94 22.14
CA HIS A 272 -6.50 -12.76 22.00
C HIS A 272 -7.44 -13.05 20.83
N GLN A 273 -8.74 -12.85 21.04
CA GLN A 273 -9.80 -13.24 20.08
C GLN A 273 -9.75 -12.31 18.87
N GLY A 274 -9.55 -11.01 19.11
CA GLY A 274 -9.38 -9.99 18.04
C GLY A 274 -8.23 -10.37 17.11
N ILE A 275 -7.03 -10.52 17.68
CA ILE A 275 -5.78 -10.94 16.98
C ILE A 275 -6.06 -12.25 16.23
N GLN A 276 -6.68 -13.22 16.88
CA GLN A 276 -7.06 -14.52 16.26
C GLN A 276 -7.84 -14.26 14.96
N MET A 277 -8.85 -13.41 15.03
CA MET A 277 -9.73 -13.08 13.88
C MET A 277 -8.91 -12.38 12.78
N VAL A 278 -8.08 -11.41 13.15
CA VAL A 278 -7.21 -10.71 12.16
C VAL A 278 -6.26 -11.75 11.53
N CYS A 279 -5.68 -12.66 12.32
CA CYS A 279 -4.70 -13.67 11.83
C CYS A 279 -5.42 -14.64 10.89
N GLU A 280 -6.68 -14.99 11.19
CA GLU A 280 -7.44 -15.90 10.28
C GLU A 280 -7.79 -15.17 8.97
N THR A 281 -8.16 -13.90 9.05
CA THR A 281 -8.50 -13.10 7.85
C THR A 281 -7.26 -12.97 6.96
N LEU A 282 -6.15 -12.54 7.53
CA LEU A 282 -4.94 -12.22 6.72
C LEU A 282 -4.36 -13.52 6.15
N THR A 283 -4.51 -14.64 6.85
CA THR A 283 -3.98 -15.96 6.46
C THR A 283 -4.73 -16.44 5.21
N GLU A 284 -6.04 -16.30 5.19
CA GLU A 284 -6.85 -16.57 3.96
C GLU A 284 -6.33 -15.68 2.82
N CYS A 285 -5.95 -14.45 3.15
CA CYS A 285 -5.64 -13.41 2.13
C CYS A 285 -4.24 -13.65 1.56
N TRP A 286 -3.42 -14.50 2.18
CA TRP A 286 -2.09 -14.80 1.60
C TRP A 286 -2.01 -16.25 1.13
N ASP A 287 -3.18 -16.86 0.89
CA ASP A 287 -3.31 -18.24 0.38
C ASP A 287 -2.58 -18.38 -0.96
N HIS A 288 -1.91 -19.50 -1.15
CA HIS A 288 -1.25 -19.84 -2.43
C HIS A 288 -2.23 -19.61 -3.61
N ASP A 289 -3.48 -20.02 -3.44
CA ASP A 289 -4.54 -19.96 -4.48
C ASP A 289 -5.21 -18.58 -4.44
N PRO A 290 -5.00 -17.71 -5.46
CA PRO A 290 -5.62 -16.40 -5.43
C PRO A 290 -7.14 -16.47 -5.24
N GLU A 291 -7.80 -17.53 -5.73
CA GLU A 291 -9.28 -17.70 -5.62
C GLU A 291 -9.68 -17.98 -4.17
N ALA A 292 -8.79 -18.54 -3.35
CA ALA A 292 -9.02 -18.74 -1.89
C ALA A 292 -8.96 -17.41 -1.13
N ARG A 293 -8.37 -16.35 -1.67
CA ARG A 293 -8.19 -15.10 -0.90
C ARG A 293 -9.56 -14.42 -0.75
N LEU A 294 -9.78 -13.70 0.34
CA LEU A 294 -10.94 -12.82 0.49
C LEU A 294 -10.72 -11.60 -0.42
N THR A 295 -11.80 -10.94 -0.81
CA THR A 295 -11.78 -9.59 -1.45
C THR A 295 -11.39 -8.59 -0.35
N ALA A 296 -10.82 -7.46 -0.74
CA ALA A 296 -10.60 -6.29 0.16
C ALA A 296 -11.91 -5.90 0.85
N GLN A 297 -13.00 -5.82 0.09
CA GLN A 297 -14.40 -5.57 0.59
C GLN A 297 -14.74 -6.52 1.76
N CYS A 298 -14.59 -7.83 1.54
CA CYS A 298 -14.83 -8.85 2.60
CA CYS A 298 -14.81 -8.86 2.59
C CYS A 298 -13.95 -8.58 3.84
N VAL A 299 -12.69 -8.21 3.64
CA VAL A 299 -11.78 -7.95 4.81
C VAL A 299 -12.30 -6.74 5.59
N ALA A 300 -12.70 -5.67 4.90
CA ALA A 300 -13.20 -4.42 5.50
C ALA A 300 -14.45 -4.75 6.34
N GLU A 301 -15.29 -5.65 5.83
CA GLU A 301 -16.53 -6.11 6.51
C GLU A 301 -16.18 -6.86 7.80
N ARG A 302 -15.21 -7.77 7.77
CA ARG A 302 -14.76 -8.49 8.99
C ARG A 302 -14.21 -7.54 10.04
N PHE A 303 -13.47 -6.51 9.61
CA PHE A 303 -12.83 -5.53 10.52
C PHE A 303 -13.91 -4.71 11.24
N SER A 304 -15.07 -4.47 10.62
CA SER A 304 -16.20 -3.71 11.20
C SER A 304 -16.93 -4.59 12.22
N GLU A 305 -16.98 -5.90 11.99
CA GLU A 305 -17.47 -6.91 12.98
C GLU A 305 -16.57 -6.99 14.23
N LEU A 306 -15.43 -6.28 14.27
CA LEU A 306 -14.57 -6.18 15.47
C LEU A 306 -14.93 -4.91 16.26
C1 EDO B . 3.85 10.33 -1.48
O1 EDO B . 3.13 11.43 -2.07
C2 EDO B . 3.80 10.33 0.03
O2 EDO B . 5.00 9.89 0.68
C1 EDO C . 11.37 5.56 12.06
O1 EDO C . 10.40 4.88 12.83
C2 EDO C . 12.42 4.67 11.48
O2 EDO C . 12.08 4.13 10.22
C1 EDO D . 7.93 -9.55 28.81
O1 EDO D . 6.51 -9.58 28.90
C2 EDO D . 8.43 -9.02 27.51
O2 EDO D . 9.81 -8.69 27.53
C1 EDO E . -9.78 -13.40 25.69
O1 EDO E . -9.84 -14.80 25.52
C2 EDO E . -10.12 -12.70 24.42
O2 EDO E . -9.93 -11.30 24.48
C1 EDO F . -16.04 0.92 -2.82
O1 EDO F . -15.73 0.33 -1.56
C2 EDO F . -16.56 2.33 -2.76
O2 EDO F . -16.19 3.01 -1.56
C1 EDO G . 9.30 27.03 -12.06
O1 EDO G . 10.71 27.03 -11.98
C2 EDO G . 8.80 27.47 -13.38
O2 EDO G . 8.20 26.43 -14.11
C1 EDO H . -17.09 3.13 3.77
O1 EDO H . -17.13 1.71 3.76
C2 EDO H . -15.82 3.67 3.22
O2 EDO H . -15.51 3.18 1.92
C1 PEG I . 11.50 -4.33 0.40
O1 PEG I . 12.81 -4.55 -0.04
C2 PEG I . 11.47 -3.66 1.73
O2 PEG I . 10.22 -3.02 1.93
C3 PEG I . 10.31 -1.94 2.85
C4 PEG I . 10.71 -0.66 2.16
O4 PEG I . 9.97 -0.41 0.98
C1 EDO J . 9.67 -14.27 8.35
O1 EDO J . 10.68 -13.49 8.90
C2 EDO J . 9.10 -15.19 9.36
O2 EDO J . 8.21 -14.52 10.25
C1 EDO K . 14.82 10.14 -8.38
O1 EDO K . 14.83 11.39 -7.70
C2 EDO K . 14.92 8.96 -7.47
O2 EDO K . 14.35 9.16 -6.19
C1 EDO L . 3.51 12.09 3.17
O1 EDO L . 2.20 12.46 2.75
C2 EDO L . 3.70 11.98 4.66
O2 EDO L . 4.94 11.41 5.05
#